data_1KXU
#
_entry.id   1KXU
#
_cell.length_a   84.080
_cell.length_b   84.080
_cell.length_c   374.880
_cell.angle_alpha   90.00
_cell.angle_beta   90.00
_cell.angle_gamma   90.00
#
_symmetry.space_group_name_H-M   'I 41 2 2'
#
loop_
_entity.id
_entity.type
_entity.pdbx_description
1 polymer 'CYCLIN H'
2 water water
#
_entity_poly.entity_id   1
_entity_poly.type   'polypeptide(L)'
_entity_poly.pdbx_seq_one_letter_code
;MSHHHHHHGSMYHNSSQKRHWTFSSEEQLARLRADANRKFRCKAVANGKVLPNDPVFLEPHEEMTLCKYYEKRLLEFCSV
FKPAMPRSVVGTACMYFKRFYLNNSVMEYHPRIIMLTCAFLACKVDEFNVSSPQFVGNLRESPLGQEKALEQILEYELLL
IQQLNFHLIVHNPYRPFEGFLIDLKTRYPILENPEILRKTADDFLNRIALTDAYLLYTPSQIALTAILSSASRAGITMES
YLSESLMLKENRTCLSQLLDIMKSMRNLVKKYEPPRSEEVAVLKQKLERCHSAELALNVITKKRKGYEDDDYVSKKSKHE
EEEWTDDDLVESL
;
_entity_poly.pdbx_strand_id   A
#
# COMPACT_ATOMS: atom_id res chain seq x y z
N TRP A 21 -0.69 2.04 -9.63
CA TRP A 21 -1.09 1.27 -10.85
C TRP A 21 0.03 0.32 -11.32
N THR A 22 -0.35 -0.71 -12.06
CA THR A 22 0.60 -1.72 -12.56
C THR A 22 1.76 -1.27 -13.50
N PHE A 23 2.98 -1.42 -12.99
CA PHE A 23 4.24 -1.10 -13.70
C PHE A 23 4.75 -2.39 -14.34
N SER A 24 5.85 -2.29 -15.08
CA SER A 24 6.41 -3.46 -15.76
C SER A 24 7.07 -4.51 -14.88
N SER A 25 7.94 -4.07 -13.98
CA SER A 25 8.68 -5.00 -13.14
C SER A 25 8.93 -4.50 -11.75
N GLU A 26 9.58 -5.32 -10.95
CA GLU A 26 9.91 -4.91 -9.62
C GLU A 26 11.24 -4.18 -9.67
N GLU A 27 12.01 -4.35 -10.73
CA GLU A 27 13.27 -3.63 -10.78
C GLU A 27 12.98 -2.21 -11.22
N GLN A 28 11.95 -2.05 -12.05
CA GLN A 28 11.54 -0.75 -12.51
C GLN A 28 11.10 0.08 -11.34
N LEU A 29 10.55 -0.56 -10.30
CA LEU A 29 10.10 0.17 -9.11
C LEU A 29 11.23 0.44 -8.16
N ALA A 30 12.28 -0.36 -8.30
CA ALA A 30 13.48 -0.29 -7.48
C ALA A 30 14.38 0.79 -8.04
N ARG A 31 14.39 0.93 -9.35
CA ARG A 31 15.18 1.99 -9.95
C ARG A 31 14.53 3.35 -9.63
N LEU A 32 13.20 3.43 -9.74
CA LEU A 32 12.44 4.64 -9.41
C LEU A 32 12.77 5.14 -8.02
N ARG A 33 12.65 4.28 -7.02
CA ARG A 33 12.93 4.70 -5.64
C ARG A 33 14.40 5.06 -5.45
N ALA A 34 15.24 4.52 -6.32
CA ALA A 34 16.69 4.72 -6.30
C ALA A 34 16.91 6.12 -6.76
N ASP A 35 16.32 6.45 -7.92
CA ASP A 35 16.40 7.80 -8.50
C ASP A 35 15.88 8.85 -7.50
N ALA A 36 14.92 8.46 -6.67
CA ALA A 36 14.38 9.38 -5.70
C ALA A 36 15.36 9.56 -4.53
N ASN A 37 16.02 8.47 -4.13
CA ASN A 37 16.98 8.54 -3.02
C ASN A 37 18.19 9.33 -3.47
N ARG A 38 18.63 9.04 -4.69
CA ARG A 38 19.79 9.67 -5.30
C ARG A 38 19.59 11.17 -5.43
N LYS A 39 18.59 11.52 -6.24
CA LYS A 39 18.19 12.89 -6.51
C LYS A 39 18.17 13.80 -5.28
N PHE A 40 17.80 13.27 -4.12
CA PHE A 40 17.75 14.05 -2.88
C PHE A 40 19.13 14.23 -2.27
N ARG A 41 19.96 13.21 -2.38
CA ARG A 41 21.30 13.28 -1.85
C ARG A 41 22.09 14.31 -2.63
N CYS A 42 22.00 14.28 -3.96
CA CYS A 42 22.72 15.24 -4.79
C CYS A 42 22.30 16.62 -4.42
N LYS A 43 21.00 16.87 -4.48
CA LYS A 43 20.53 18.17 -4.12
C LYS A 43 20.61 18.41 -2.63
N ALA A 44 21.27 17.51 -1.89
CA ALA A 44 21.46 17.66 -0.44
C ALA A 44 22.85 18.23 -0.28
N VAL A 45 23.78 17.68 -1.04
CA VAL A 45 25.15 18.15 -1.05
C VAL A 45 25.12 19.50 -1.80
N ALA A 46 23.98 19.77 -2.46
CA ALA A 46 23.75 20.98 -3.25
C ALA A 46 23.51 22.28 -2.48
N ASN A 47 24.34 22.49 -1.46
CA ASN A 47 24.35 23.68 -0.61
C ASN A 47 25.38 23.43 0.47
N GLY A 48 26.27 22.48 0.19
CA GLY A 48 27.31 22.12 1.13
C GLY A 48 26.73 21.85 2.51
N LYS A 49 25.43 21.52 2.51
CA LYS A 49 24.68 21.22 3.72
C LYS A 49 25.13 19.91 4.38
N VAL A 50 25.71 19.02 3.57
CA VAL A 50 26.18 17.72 4.04
C VAL A 50 27.39 17.17 3.31
N LEU A 51 28.20 16.42 4.06
CA LEU A 51 29.39 15.79 3.52
C LEU A 51 28.87 14.91 2.40
N PRO A 52 29.35 15.14 1.17
CA PRO A 52 28.96 14.41 -0.06
C PRO A 52 28.79 12.94 0.29
N ASN A 53 27.56 12.59 0.64
CA ASN A 53 27.24 11.24 1.06
C ASN A 53 27.87 10.92 2.41
N ASP A 54 27.37 11.62 3.42
CA ASP A 54 27.80 11.43 4.81
C ASP A 54 26.73 10.57 5.47
N PRO A 55 27.07 9.93 6.59
CA PRO A 55 26.22 9.05 7.39
C PRO A 55 24.80 9.49 7.74
N VAL A 56 24.40 10.70 7.37
CA VAL A 56 23.06 11.17 7.66
C VAL A 56 22.06 10.51 6.74
N PHE A 57 22.32 10.53 5.45
CA PHE A 57 21.44 9.94 4.47
C PHE A 57 21.00 8.48 4.69
N LEU A 58 19.84 8.15 4.16
CA LEU A 58 19.36 6.79 4.28
C LEU A 58 19.59 6.10 2.94
N GLU A 59 19.77 4.78 2.96
CA GLU A 59 19.93 4.02 1.72
C GLU A 59 18.50 3.63 1.23
N PRO A 60 18.26 3.54 -0.09
CA PRO A 60 16.94 3.19 -0.61
C PRO A 60 16.33 2.10 0.16
N HIS A 61 17.22 1.25 0.62
CA HIS A 61 16.91 0.06 1.38
C HIS A 61 16.39 0.45 2.74
N GLU A 62 16.97 1.48 3.32
CA GLU A 62 16.52 1.97 4.61
C GLU A 62 15.25 2.80 4.43
N GLU A 63 14.97 3.21 3.20
CA GLU A 63 13.76 3.97 2.96
C GLU A 63 12.58 3.01 2.97
N MET A 64 12.68 1.95 2.17
CA MET A 64 11.62 0.94 2.10
C MET A 64 11.17 0.41 3.46
N THR A 65 12.12 0.12 4.34
CA THR A 65 11.80 -0.38 5.68
C THR A 65 10.85 0.60 6.34
N LEU A 66 11.24 1.88 6.38
CA LEU A 66 10.41 2.91 7.00
C LEU A 66 9.05 3.02 6.38
N CYS A 67 8.98 2.83 5.07
CA CYS A 67 7.70 2.89 4.39
C CYS A 67 6.87 1.66 4.74
N LYS A 68 7.48 0.49 4.74
CA LYS A 68 6.78 -0.74 5.10
C LYS A 68 6.17 -0.50 6.47
N TYR A 69 6.99 0.07 7.32
CA TYR A 69 6.59 0.38 8.67
C TYR A 69 5.38 1.30 8.70
N TYR A 70 5.51 2.46 8.05
CA TYR A 70 4.42 3.42 8.01
C TYR A 70 3.15 2.91 7.36
N GLU A 71 3.25 2.05 6.36
CA GLU A 71 2.03 1.52 5.75
C GLU A 71 1.36 0.57 6.76
N LYS A 72 2.16 -0.16 7.52
CA LYS A 72 1.63 -1.07 8.51
C LYS A 72 0.87 -0.21 9.49
N ARG A 73 1.50 0.90 9.85
CA ARG A 73 0.98 1.89 10.77
C ARG A 73 -0.30 2.57 10.20
N LEU A 74 -0.37 2.68 8.87
CA LEU A 74 -1.50 3.28 8.15
C LEU A 74 -2.70 2.40 8.31
N LEU A 75 -2.47 1.10 8.11
CA LEU A 75 -3.48 0.02 8.23
C LEU A 75 -4.08 0.02 9.64
N GLU A 76 -3.23 0.13 10.65
CA GLU A 76 -3.73 0.15 12.01
C GLU A 76 -4.66 1.32 12.18
N PHE A 77 -4.20 2.51 11.78
CA PHE A 77 -4.98 3.76 11.88
C PHE A 77 -6.32 3.55 11.23
N CYS A 78 -6.29 3.07 9.99
CA CYS A 78 -7.49 2.80 9.23
C CYS A 78 -8.43 1.81 9.87
N SER A 79 -7.89 0.86 10.63
CA SER A 79 -8.73 -0.17 11.29
C SER A 79 -9.56 0.29 12.51
N VAL A 80 -9.03 1.21 13.29
CA VAL A 80 -9.72 1.72 14.46
C VAL A 80 -10.50 2.96 14.08
N PHE A 81 -10.37 3.38 12.84
CA PHE A 81 -11.03 4.57 12.41
C PHE A 81 -12.52 4.54 12.63
N LYS A 82 -13.02 5.62 13.19
CA LYS A 82 -14.43 5.83 13.44
C LYS A 82 -14.80 7.14 12.72
N PRO A 83 -15.87 7.13 11.93
CA PRO A 83 -16.77 6.02 11.65
C PRO A 83 -16.05 4.98 10.78
N ALA A 84 -16.45 3.72 10.91
CA ALA A 84 -15.88 2.60 10.16
C ALA A 84 -15.46 3.02 8.77
N MET A 85 -14.23 2.67 8.41
CA MET A 85 -13.73 3.05 7.13
C MET A 85 -13.77 1.88 6.15
N PRO A 86 -14.35 2.09 4.96
CA PRO A 86 -14.50 1.13 3.87
C PRO A 86 -13.19 0.56 3.43
N ARG A 87 -13.25 -0.68 2.96
CA ARG A 87 -12.11 -1.46 2.47
C ARG A 87 -11.35 -0.66 1.40
N SER A 88 -12.11 -0.14 0.45
CA SER A 88 -11.59 0.63 -0.67
C SER A 88 -10.83 1.88 -0.27
N VAL A 89 -11.29 2.55 0.77
CA VAL A 89 -10.63 3.76 1.20
C VAL A 89 -9.23 3.45 1.63
N VAL A 90 -9.13 2.46 2.50
CA VAL A 90 -7.88 2.00 3.05
C VAL A 90 -6.98 1.57 1.96
N GLY A 91 -7.56 0.88 0.99
CA GLY A 91 -6.79 0.37 -0.13
C GLY A 91 -6.27 1.43 -1.02
N THR A 92 -7.11 2.47 -1.22
CA THR A 92 -6.81 3.67 -2.01
C THR A 92 -5.65 4.40 -1.31
N ALA A 93 -5.81 4.65 0.00
CA ALA A 93 -4.79 5.31 0.79
C ALA A 93 -3.42 4.63 0.69
N CYS A 94 -3.38 3.30 0.64
CA CYS A 94 -2.12 2.55 0.51
C CYS A 94 -1.46 2.81 -0.83
N MET A 95 -2.24 2.91 -1.90
CA MET A 95 -1.70 3.16 -3.25
C MET A 95 -1.08 4.55 -3.41
N TYR A 96 -1.80 5.55 -2.93
CA TYR A 96 -1.32 6.90 -2.94
C TYR A 96 0.04 6.86 -2.29
N PHE A 97 0.10 6.30 -1.08
CA PHE A 97 1.36 6.17 -0.29
C PHE A 97 2.53 5.46 -0.99
N LYS A 98 2.23 4.38 -1.69
CA LYS A 98 3.24 3.60 -2.38
C LYS A 98 3.74 4.35 -3.57
N ARG A 99 2.80 4.86 -4.37
CA ARG A 99 3.15 5.59 -5.59
C ARG A 99 3.87 6.91 -5.33
N PHE A 100 3.62 7.51 -4.17
CA PHE A 100 4.27 8.79 -3.83
C PHE A 100 5.73 8.49 -3.66
N TYR A 101 6.01 7.50 -2.83
CA TYR A 101 7.37 7.11 -2.54
C TYR A 101 8.13 6.41 -3.63
N LEU A 102 7.54 6.31 -4.82
CA LEU A 102 8.24 5.75 -5.96
C LEU A 102 9.05 6.87 -6.58
N ASN A 103 8.78 8.10 -6.17
CA ASN A 103 9.48 9.25 -6.72
C ASN A 103 9.80 10.29 -5.67
N ASN A 104 9.76 9.93 -4.39
CA ASN A 104 10.05 10.92 -3.37
C ASN A 104 10.78 10.28 -2.23
N SER A 105 11.80 10.96 -1.71
CA SER A 105 12.60 10.44 -0.63
C SER A 105 11.92 10.71 0.69
N VAL A 106 11.98 9.75 1.60
CA VAL A 106 11.38 9.94 2.91
C VAL A 106 12.17 10.96 3.67
N MET A 107 13.33 11.34 3.14
CA MET A 107 14.20 12.34 3.80
C MET A 107 13.68 13.72 3.49
N GLU A 108 12.83 13.77 2.47
CA GLU A 108 12.23 15.00 2.05
C GLU A 108 10.84 15.20 2.61
N TYR A 109 9.98 14.19 2.51
CA TYR A 109 8.63 14.34 3.02
C TYR A 109 8.37 13.23 3.98
N HIS A 110 8.16 13.56 5.24
CA HIS A 110 7.95 12.53 6.27
C HIS A 110 6.74 11.61 6.06
N PRO A 111 6.93 10.27 6.22
CA PRO A 111 5.80 9.34 6.01
C PRO A 111 4.69 9.41 7.06
N ARG A 112 4.94 9.94 8.25
CA ARG A 112 3.86 9.99 9.22
C ARG A 112 2.84 10.96 8.66
N ILE A 113 3.31 12.05 8.05
CA ILE A 113 2.43 13.09 7.50
C ILE A 113 1.84 12.67 6.18
N ILE A 114 2.69 12.14 5.33
CA ILE A 114 2.23 11.72 4.03
C ILE A 114 1.24 10.56 4.16
N MET A 115 1.39 9.65 5.14
CA MET A 115 0.43 8.55 5.22
C MET A 115 -0.90 9.10 5.64
N LEU A 116 -0.90 9.95 6.67
CA LEU A 116 -2.11 10.60 7.14
C LEU A 116 -2.74 11.39 6.00
N THR A 117 -1.93 12.05 5.17
CA THR A 117 -2.46 12.84 4.05
C THR A 117 -3.11 11.91 3.05
N CYS A 118 -2.46 10.77 2.81
CA CYS A 118 -2.91 9.76 1.89
C CYS A 118 -4.29 9.27 2.29
N ALA A 119 -4.49 9.08 3.58
CA ALA A 119 -5.78 8.60 4.09
C ALA A 119 -6.89 9.62 3.84
N PHE A 120 -6.57 10.89 4.15
CA PHE A 120 -7.50 11.99 3.98
C PHE A 120 -7.81 12.21 2.55
N LEU A 121 -6.80 12.18 1.70
CA LEU A 121 -7.09 12.36 0.30
C LEU A 121 -8.01 11.22 -0.09
N ALA A 122 -7.70 10.01 0.38
CA ALA A 122 -8.53 8.86 0.04
C ALA A 122 -9.97 9.00 0.52
N CYS A 123 -10.20 9.40 1.77
CA CYS A 123 -11.57 9.54 2.21
C CYS A 123 -12.30 10.52 1.28
N LYS A 124 -11.58 11.54 0.80
CA LYS A 124 -12.15 12.58 -0.06
C LYS A 124 -12.45 12.13 -1.45
N VAL A 125 -11.50 11.47 -2.09
CA VAL A 125 -11.77 11.05 -3.47
C VAL A 125 -12.81 9.96 -3.55
N ASP A 126 -12.90 9.17 -2.47
CA ASP A 126 -13.83 8.06 -2.35
C ASP A 126 -15.17 8.53 -1.87
N GLU A 127 -15.29 9.79 -1.54
CA GLU A 127 -16.57 10.31 -1.06
C GLU A 127 -17.02 9.57 0.20
N PHE A 128 -16.05 9.18 1.01
CA PHE A 128 -16.39 8.54 2.26
C PHE A 128 -16.63 9.73 3.19
N ASN A 129 -17.91 9.97 3.48
CA ASN A 129 -18.32 11.07 4.34
C ASN A 129 -17.66 11.08 5.70
N VAL A 130 -16.56 11.81 5.78
CA VAL A 130 -15.88 11.98 7.04
C VAL A 130 -15.33 13.39 6.95
N SER A 131 -15.47 14.14 8.04
CA SER A 131 -14.96 15.52 8.07
C SER A 131 -13.54 15.54 8.65
N SER A 132 -12.70 16.42 8.14
CA SER A 132 -11.35 16.50 8.67
C SER A 132 -11.38 16.56 10.21
N PRO A 133 -12.33 17.31 10.79
CA PRO A 133 -12.24 17.25 12.26
C PRO A 133 -12.62 15.87 12.80
N GLN A 134 -13.40 15.11 12.06
CA GLN A 134 -13.73 13.76 12.51
C GLN A 134 -12.51 12.87 12.23
N PHE A 135 -11.88 13.12 11.08
CA PHE A 135 -10.70 12.39 10.63
C PHE A 135 -9.62 12.47 11.69
N VAL A 136 -9.11 13.67 11.88
CA VAL A 136 -8.06 13.96 12.82
C VAL A 136 -8.39 13.56 14.24
N GLY A 137 -9.66 13.34 14.53
CA GLY A 137 -10.04 12.97 15.88
C GLY A 137 -9.66 11.56 16.31
N ASN A 138 -9.39 10.73 15.32
CA ASN A 138 -8.97 9.38 15.56
C ASN A 138 -7.50 9.36 15.99
N LEU A 139 -6.83 10.51 16.04
CA LEU A 139 -5.41 10.52 16.44
C LEU A 139 -5.30 10.52 17.92
N ARG A 140 -4.35 9.77 18.45
CA ARG A 140 -4.24 9.70 19.87
C ARG A 140 -3.48 10.80 20.51
N GLU A 141 -4.01 12.02 20.43
CA GLU A 141 -3.37 13.14 21.09
C GLU A 141 -4.28 14.27 21.45
N SER A 142 -3.71 15.26 22.11
CA SER A 142 -4.43 16.47 22.54
C SER A 142 -5.24 17.19 21.45
N PRO A 143 -6.21 17.99 21.86
CA PRO A 143 -6.94 18.68 20.80
C PRO A 143 -6.02 19.47 19.88
N LEU A 144 -5.01 20.17 20.41
CA LEU A 144 -4.11 20.96 19.53
C LEU A 144 -3.20 20.08 18.67
N GLY A 145 -2.87 18.90 19.19
CA GLY A 145 -2.02 17.97 18.48
C GLY A 145 -2.78 17.48 17.28
N GLN A 146 -4.05 17.23 17.49
CA GLN A 146 -4.89 16.77 16.43
C GLN A 146 -5.00 17.88 15.38
N GLU A 147 -5.26 19.12 15.82
CA GLU A 147 -5.38 20.27 14.88
C GLU A 147 -4.09 20.46 14.08
N LYS A 148 -2.95 20.37 14.76
CA LYS A 148 -1.64 20.49 14.12
C LYS A 148 -1.56 19.50 12.99
N ALA A 149 -1.96 18.26 13.25
CA ALA A 149 -1.92 17.20 12.26
C ALA A 149 -2.77 17.62 11.09
N LEU A 150 -3.86 18.30 11.41
CA LEU A 150 -4.80 18.76 10.37
C LEU A 150 -4.14 19.81 9.49
N GLU A 151 -3.43 20.73 10.12
CA GLU A 151 -2.72 21.76 9.40
C GLU A 151 -1.70 21.11 8.48
N GLN A 152 -0.92 20.15 9.02
CA GLN A 152 0.08 19.47 8.21
C GLN A 152 -0.51 18.79 6.99
N ILE A 153 -1.69 18.20 7.13
CA ILE A 153 -2.34 17.54 6.00
C ILE A 153 -2.61 18.59 4.94
N LEU A 154 -3.12 19.75 5.37
CA LEU A 154 -3.42 20.86 4.46
C LEU A 154 -2.17 21.22 3.69
N GLU A 155 -1.07 21.34 4.42
CA GLU A 155 0.20 21.66 3.82
C GLU A 155 0.56 20.70 2.71
N TYR A 156 0.38 19.41 2.95
CA TYR A 156 0.76 18.44 1.93
C TYR A 156 -0.26 17.97 0.93
N GLU A 157 -1.52 18.38 1.02
CA GLU A 157 -2.49 17.84 0.08
C GLU A 157 -2.22 18.06 -1.41
N LEU A 158 -1.96 19.30 -1.84
CA LEU A 158 -1.71 19.56 -3.26
C LEU A 158 -0.53 18.75 -3.74
N LEU A 159 0.55 18.75 -2.95
CA LEU A 159 1.78 18.01 -3.26
C LEU A 159 1.50 16.53 -3.54
N LEU A 160 0.79 15.86 -2.62
CA LEU A 160 0.43 14.46 -2.80
C LEU A 160 -0.30 14.38 -4.11
N ILE A 161 -1.34 15.20 -4.27
CA ILE A 161 -2.10 15.21 -5.54
C ILE A 161 -1.19 15.40 -6.74
N GLN A 162 -0.17 16.23 -6.60
CA GLN A 162 0.75 16.51 -7.69
C GLN A 162 1.67 15.35 -7.97
N GLN A 163 2.14 14.72 -6.90
CA GLN A 163 3.00 13.56 -6.99
C GLN A 163 2.31 12.33 -7.58
N LEU A 164 0.98 12.29 -7.54
CA LEU A 164 0.23 11.17 -8.11
C LEU A 164 -0.18 11.57 -9.52
N ASN A 165 0.39 12.67 -10.01
CA ASN A 165 0.09 13.22 -11.34
C ASN A 165 -1.37 13.51 -11.63
N PHE A 166 -2.13 13.83 -10.60
CA PHE A 166 -3.52 14.16 -10.75
C PHE A 166 -4.40 12.96 -11.02
N HIS A 167 -3.81 11.78 -10.99
CA HIS A 167 -4.54 10.53 -11.19
C HIS A 167 -4.86 9.97 -9.82
N LEU A 168 -6.04 10.28 -9.33
CA LEU A 168 -6.45 9.83 -8.01
C LEU A 168 -7.36 8.59 -8.04
N ILE A 169 -7.73 8.16 -9.25
CA ILE A 169 -8.60 7.00 -9.42
C ILE A 169 -7.84 5.68 -9.20
N VAL A 170 -8.25 4.94 -8.18
CA VAL A 170 -7.58 3.67 -7.90
C VAL A 170 -8.59 2.54 -7.77
N HIS A 171 -8.32 1.48 -8.52
CA HIS A 171 -9.15 0.28 -8.55
C HIS A 171 -8.66 -0.78 -7.59
N ASN A 172 -9.50 -1.17 -6.64
CA ASN A 172 -9.13 -2.16 -5.65
C ASN A 172 -9.63 -3.57 -5.95
N PRO A 173 -9.02 -4.61 -5.30
CA PRO A 173 -9.36 -6.03 -5.45
C PRO A 173 -10.71 -6.36 -4.83
N TYR A 174 -11.06 -5.65 -3.77
CA TYR A 174 -12.32 -5.86 -3.08
C TYR A 174 -13.53 -6.14 -3.98
N ARG A 175 -13.71 -5.34 -5.03
CA ARG A 175 -14.82 -5.53 -5.98
C ARG A 175 -14.65 -6.88 -6.67
N PRO A 176 -13.54 -7.09 -7.40
CA PRO A 176 -13.39 -8.41 -8.02
C PRO A 176 -13.48 -9.61 -7.04
N PHE A 177 -12.98 -9.43 -5.83
CA PHE A 177 -13.03 -10.46 -4.83
C PHE A 177 -14.48 -10.93 -4.66
N GLU A 178 -15.37 -10.00 -4.35
CA GLU A 178 -16.77 -10.31 -4.16
C GLU A 178 -17.36 -10.91 -5.40
N GLY A 179 -16.67 -10.74 -6.50
CA GLY A 179 -17.17 -11.27 -7.74
C GLY A 179 -16.92 -12.76 -7.74
N PHE A 180 -15.70 -13.16 -7.45
CA PHE A 180 -15.37 -14.56 -7.43
C PHE A 180 -16.06 -15.35 -6.31
N LEU A 181 -16.30 -14.73 -5.16
CA LEU A 181 -17.02 -15.42 -4.08
C LEU A 181 -18.45 -15.72 -4.52
N ILE A 182 -19.03 -14.85 -5.34
CA ILE A 182 -20.38 -15.04 -5.85
C ILE A 182 -20.30 -16.19 -6.84
N ASP A 183 -19.34 -16.10 -7.74
CA ASP A 183 -19.17 -17.13 -8.73
C ASP A 183 -18.97 -18.52 -8.12
N LEU A 184 -18.02 -18.65 -7.20
CA LEU A 184 -17.72 -19.94 -6.59
C LEU A 184 -18.83 -20.56 -5.78
N LYS A 185 -19.46 -19.80 -4.91
CA LYS A 185 -20.54 -20.36 -4.09
C LYS A 185 -21.75 -20.73 -4.94
N THR A 186 -21.74 -20.23 -6.16
CA THR A 186 -22.80 -20.48 -7.13
C THR A 186 -22.50 -21.77 -7.90
N ARG A 187 -21.30 -21.91 -8.44
CA ARG A 187 -20.93 -23.09 -9.19
C ARG A 187 -20.78 -24.30 -8.26
N TYR A 188 -20.39 -24.02 -7.03
CA TYR A 188 -20.16 -25.05 -6.02
C TYR A 188 -20.94 -24.68 -4.78
N PRO A 189 -22.18 -25.14 -4.67
CA PRO A 189 -22.96 -24.80 -3.49
C PRO A 189 -22.58 -25.52 -2.22
N ILE A 190 -21.57 -26.39 -2.27
CA ILE A 190 -21.09 -27.04 -1.04
C ILE A 190 -20.27 -25.92 -0.35
N LEU A 191 -19.76 -25.05 -1.23
CA LEU A 191 -18.97 -23.86 -0.90
C LEU A 191 -19.91 -22.66 -0.74
N GLU A 192 -21.17 -22.94 -0.38
CA GLU A 192 -22.19 -21.91 -0.10
C GLU A 192 -21.76 -21.39 1.27
N ASN A 193 -20.81 -22.11 1.88
CA ASN A 193 -20.17 -21.77 3.16
C ASN A 193 -18.77 -21.24 2.77
N PRO A 194 -18.72 -20.19 1.94
CA PRO A 194 -17.40 -19.71 1.57
C PRO A 194 -17.17 -18.49 2.44
N GLU A 195 -18.02 -18.33 3.45
CA GLU A 195 -17.88 -17.20 4.36
C GLU A 195 -16.81 -17.59 5.39
N ILE A 196 -16.07 -18.64 5.04
CA ILE A 196 -14.95 -19.18 5.79
C ILE A 196 -13.81 -18.86 4.84
N LEU A 197 -14.11 -18.91 3.53
CA LEU A 197 -13.17 -18.61 2.45
C LEU A 197 -12.76 -17.14 2.58
N ARG A 198 -13.79 -16.31 2.71
CA ARG A 198 -13.65 -14.87 2.85
C ARG A 198 -12.57 -14.47 3.85
N LYS A 199 -12.73 -14.85 5.12
CA LYS A 199 -11.73 -14.51 6.13
C LYS A 199 -10.30 -14.91 5.80
N THR A 200 -10.12 -16.12 5.29
CA THR A 200 -8.78 -16.57 4.99
C THR A 200 -8.22 -15.83 3.78
N ALA A 201 -9.08 -15.52 2.80
CA ALA A 201 -8.66 -14.80 1.62
C ALA A 201 -8.38 -13.36 2.01
N ASP A 202 -9.16 -12.87 2.98
CA ASP A 202 -8.96 -11.54 3.47
C ASP A 202 -7.57 -11.49 4.08
N ASP A 203 -7.28 -12.46 4.94
CA ASP A 203 -5.97 -12.57 5.59
C ASP A 203 -4.88 -12.53 4.51
N PHE A 204 -5.14 -13.16 3.37
CA PHE A 204 -4.17 -13.18 2.28
C PHE A 204 -4.13 -11.89 1.47
N LEU A 205 -5.25 -11.17 1.39
CA LEU A 205 -5.26 -9.91 0.65
C LEU A 205 -4.40 -8.90 1.38
N ASN A 206 -4.60 -8.79 2.69
CA ASN A 206 -3.87 -7.86 3.56
C ASN A 206 -2.36 -8.06 3.53
N ARG A 207 -1.95 -9.31 3.36
CA ARG A 207 -0.56 -9.70 3.31
C ARG A 207 0.02 -9.27 1.97
N ILE A 208 -0.72 -9.55 0.90
CA ILE A 208 -0.31 -9.20 -0.47
C ILE A 208 -0.31 -7.69 -0.69
N ALA A 209 -1.20 -6.99 -0.02
CA ALA A 209 -1.31 -5.55 -0.13
C ALA A 209 0.00 -4.91 0.30
N LEU A 210 0.58 -5.47 1.36
CA LEU A 210 1.83 -5.01 1.92
C LEU A 210 2.99 -5.14 0.94
N THR A 211 2.79 -5.88 -0.15
CA THR A 211 3.85 -6.04 -1.14
C THR A 211 3.65 -5.05 -2.31
N ASP A 212 4.49 -5.14 -3.34
CA ASP A 212 4.37 -4.28 -4.52
C ASP A 212 3.42 -4.81 -5.57
N ALA A 213 2.67 -5.86 -5.24
CA ALA A 213 1.71 -6.47 -6.17
C ALA A 213 0.71 -5.43 -6.66
N TYR A 214 0.30 -4.55 -5.77
CA TYR A 214 -0.64 -3.49 -6.13
C TYR A 214 -0.15 -2.70 -7.35
N LEU A 215 1.13 -2.37 -7.33
CA LEU A 215 1.71 -1.62 -8.41
C LEU A 215 2.13 -2.51 -9.57
N LEU A 216 2.04 -3.84 -9.40
CA LEU A 216 2.48 -4.79 -10.45
C LEU A 216 1.42 -5.67 -11.15
N TYR A 217 0.27 -5.90 -10.53
CA TYR A 217 -0.75 -6.75 -11.15
C TYR A 217 -2.12 -6.13 -11.04
N THR A 218 -3.06 -6.69 -11.79
CA THR A 218 -4.45 -6.24 -11.82
C THR A 218 -5.18 -6.53 -10.50
N PRO A 219 -6.13 -5.66 -10.08
CA PRO A 219 -6.80 -5.99 -8.81
C PRO A 219 -7.67 -7.23 -9.02
N SER A 220 -7.93 -7.58 -10.27
CA SER A 220 -8.72 -8.76 -10.52
C SER A 220 -7.84 -9.97 -10.37
N GLN A 221 -6.72 -10.02 -11.08
CA GLN A 221 -5.87 -11.17 -10.92
C GLN A 221 -5.18 -11.18 -9.57
N ILE A 222 -5.59 -10.27 -8.69
CA ILE A 222 -5.05 -10.17 -7.33
C ILE A 222 -6.08 -10.79 -6.42
N ALA A 223 -7.34 -10.44 -6.65
CA ALA A 223 -8.42 -10.96 -5.86
C ALA A 223 -8.53 -12.47 -6.13
N LEU A 224 -8.33 -12.86 -7.39
CA LEU A 224 -8.41 -14.26 -7.76
C LEU A 224 -7.41 -15.01 -6.93
N THR A 225 -6.17 -14.51 -6.92
CA THR A 225 -5.07 -15.09 -6.15
C THR A 225 -5.37 -15.20 -4.64
N ALA A 226 -6.29 -14.38 -4.16
CA ALA A 226 -6.67 -14.42 -2.75
C ALA A 226 -7.63 -15.57 -2.50
N ILE A 227 -8.70 -15.66 -3.31
CA ILE A 227 -9.71 -16.71 -3.18
C ILE A 227 -9.04 -18.05 -3.28
N LEU A 228 -8.52 -18.32 -4.48
CA LEU A 228 -7.84 -19.57 -4.80
C LEU A 228 -6.77 -19.98 -3.80
N SER A 229 -5.78 -19.15 -3.58
CA SER A 229 -4.74 -19.51 -2.64
C SER A 229 -5.21 -19.71 -1.20
N SER A 230 -6.43 -19.31 -0.89
CA SER A 230 -6.98 -19.48 0.47
C SER A 230 -7.70 -20.80 0.57
N ALA A 231 -8.59 -21.00 -0.40
CA ALA A 231 -9.37 -22.22 -0.54
C ALA A 231 -8.38 -23.35 -0.48
N SER A 232 -7.39 -23.31 -1.37
CA SER A 232 -6.35 -24.31 -1.43
C SER A 232 -5.67 -24.53 -0.07
N ARG A 233 -5.36 -23.45 0.66
CA ARG A 233 -4.72 -23.59 1.96
C ARG A 233 -5.63 -24.38 2.92
N ALA A 234 -6.92 -24.25 2.68
CA ALA A 234 -7.94 -24.93 3.45
C ALA A 234 -8.27 -26.30 2.81
N GLY A 235 -7.29 -26.89 2.10
CA GLY A 235 -7.43 -28.19 1.43
C GLY A 235 -8.20 -28.33 0.12
N ILE A 236 -9.31 -27.60 0.01
CA ILE A 236 -10.18 -27.62 -1.16
C ILE A 236 -9.50 -27.16 -2.46
N THR A 237 -10.04 -27.58 -3.59
CA THR A 237 -9.51 -27.25 -4.91
C THR A 237 -10.61 -27.49 -5.92
N MET A 238 -10.86 -26.55 -6.82
CA MET A 238 -11.88 -26.77 -7.85
C MET A 238 -11.11 -27.04 -9.15
N GLU A 239 -10.82 -28.30 -9.43
CA GLU A 239 -10.04 -28.63 -10.62
C GLU A 239 -10.52 -28.02 -11.95
N SER A 240 -11.71 -27.42 -11.99
CA SER A 240 -12.16 -26.84 -13.25
C SER A 240 -12.68 -25.43 -13.14
N TYR A 241 -12.34 -24.73 -12.07
CA TYR A 241 -12.84 -23.36 -11.91
C TYR A 241 -12.30 -22.47 -12.99
N LEU A 242 -10.99 -22.56 -13.22
CA LEU A 242 -10.33 -21.76 -14.24
C LEU A 242 -10.68 -22.20 -15.65
N SER A 243 -11.26 -23.40 -15.77
CA SER A 243 -11.72 -23.91 -17.06
C SER A 243 -12.97 -23.03 -17.30
N GLU A 244 -13.70 -22.78 -16.21
CA GLU A 244 -14.87 -21.92 -16.18
C GLU A 244 -14.24 -20.58 -15.77
N SER A 245 -15.03 -19.65 -15.22
CA SER A 245 -14.48 -18.36 -14.77
C SER A 245 -15.50 -17.26 -14.50
N LEU A 246 -14.99 -16.15 -13.94
CA LEU A 246 -15.78 -14.94 -13.64
C LEU A 246 -15.09 -13.70 -14.29
N MET A 247 -15.59 -13.32 -15.46
CA MET A 247 -15.09 -12.18 -16.23
C MET A 247 -13.70 -12.48 -16.81
N LEU A 248 -13.61 -13.57 -17.58
CA LEU A 248 -12.35 -14.04 -18.20
C LEU A 248 -11.39 -14.48 -17.09
N LYS A 249 -11.99 -15.07 -16.06
CA LYS A 249 -11.29 -15.51 -14.83
C LYS A 249 -10.75 -14.20 -14.25
N GLU A 250 -11.22 -13.11 -14.84
CA GLU A 250 -10.84 -11.75 -14.53
C GLU A 250 -9.33 -11.75 -14.43
N ASN A 251 -8.69 -12.03 -15.57
CA ASN A 251 -7.23 -12.06 -15.69
C ASN A 251 -6.79 -12.63 -17.04
N ARG A 252 -5.46 -12.60 -17.25
CA ARG A 252 -4.79 -13.08 -18.48
C ARG A 252 -5.51 -14.14 -19.33
N THR A 253 -5.60 -13.86 -20.64
CA THR A 253 -6.25 -14.75 -21.61
C THR A 253 -5.64 -16.14 -21.52
N CYS A 254 -4.33 -16.23 -21.70
CA CYS A 254 -3.63 -17.50 -21.61
C CYS A 254 -3.64 -17.94 -20.13
N LEU A 255 -4.24 -19.10 -19.88
CA LEU A 255 -4.33 -19.65 -18.53
C LEU A 255 -2.95 -19.65 -17.89
N SER A 256 -1.92 -19.96 -18.67
CA SER A 256 -0.54 -19.99 -18.18
C SER A 256 -0.16 -18.66 -17.49
N GLN A 257 -0.33 -17.54 -18.19
CA GLN A 257 0.01 -16.22 -17.62
C GLN A 257 -0.67 -16.14 -16.27
N LEU A 258 -1.97 -16.41 -16.26
CA LEU A 258 -2.75 -16.37 -15.04
C LEU A 258 -2.10 -17.19 -13.96
N LEU A 259 -1.68 -18.39 -14.32
CA LEU A 259 -1.08 -19.27 -13.34
C LEU A 259 0.29 -18.89 -12.80
N ASP A 260 1.22 -18.49 -13.65
CA ASP A 260 2.51 -18.12 -13.10
C ASP A 260 2.43 -16.83 -12.28
N ILE A 261 1.46 -15.96 -12.61
CA ILE A 261 1.18 -14.67 -11.95
C ILE A 261 0.72 -14.87 -10.52
N MET A 262 -0.19 -15.84 -10.34
CA MET A 262 -0.70 -16.20 -9.02
C MET A 262 0.47 -16.81 -8.27
N LYS A 263 1.39 -17.43 -9.02
CA LYS A 263 2.60 -18.02 -8.44
C LYS A 263 3.48 -16.84 -7.95
N SER A 264 3.86 -15.97 -8.91
CA SER A 264 4.69 -14.76 -8.67
C SER A 264 4.21 -14.03 -7.43
N MET A 265 2.93 -13.69 -7.44
CA MET A 265 2.32 -13.02 -6.31
C MET A 265 2.49 -13.81 -5.02
N ARG A 266 2.14 -15.11 -5.04
CA ARG A 266 2.27 -15.96 -3.86
C ARG A 266 3.72 -15.97 -3.40
N ASN A 267 4.60 -15.64 -4.33
CA ASN A 267 6.01 -15.56 -4.05
C ASN A 267 6.29 -14.27 -3.35
N LEU A 268 5.76 -13.17 -3.90
CA LEU A 268 5.94 -11.83 -3.34
C LEU A 268 5.61 -11.80 -1.89
N VAL A 269 4.47 -12.39 -1.54
CA VAL A 269 4.06 -12.44 -0.15
C VAL A 269 5.06 -13.32 0.65
N LYS A 270 5.57 -14.37 0.00
CA LYS A 270 6.53 -15.33 0.59
C LYS A 270 7.93 -14.77 0.96
N LYS A 271 8.41 -13.81 0.18
CA LYS A 271 9.72 -13.21 0.42
C LYS A 271 9.60 -11.91 1.23
N TYR A 272 8.37 -11.47 1.49
CA TYR A 272 8.16 -10.23 2.23
C TYR A 272 8.69 -10.29 3.65
N GLU A 273 9.60 -9.36 3.94
CA GLU A 273 10.21 -9.24 5.26
C GLU A 273 9.66 -8.00 5.93
N PRO A 274 8.95 -8.18 7.03
CA PRO A 274 8.37 -7.06 7.77
C PRO A 274 9.37 -6.14 8.39
N PRO A 275 8.99 -4.87 8.57
CA PRO A 275 9.86 -3.88 9.18
C PRO A 275 10.39 -4.44 10.47
N ARG A 276 11.70 -4.31 10.59
CA ARG A 276 12.47 -4.76 11.72
C ARG A 276 12.14 -3.92 12.94
N SER A 277 11.84 -4.60 14.04
CA SER A 277 11.47 -3.93 15.29
C SER A 277 12.50 -2.81 15.69
N GLU A 278 13.80 -3.15 15.69
CA GLU A 278 14.89 -2.25 16.07
C GLU A 278 15.43 -1.32 14.97
N GLU A 279 15.61 -1.85 13.76
CA GLU A 279 16.09 -1.05 12.65
C GLU A 279 15.19 0.15 12.51
N VAL A 280 13.88 -0.06 12.66
CA VAL A 280 12.89 1.01 12.56
C VAL A 280 13.18 2.18 13.52
N ALA A 281 13.52 1.88 14.77
CA ALA A 281 13.80 2.93 15.78
C ALA A 281 15.09 3.72 15.48
N VAL A 282 16.05 3.05 14.87
CA VAL A 282 17.32 3.66 14.49
C VAL A 282 17.01 4.48 13.25
N LEU A 283 16.33 3.87 12.27
CA LEU A 283 15.98 4.55 11.05
C LEU A 283 15.11 5.76 11.38
N LYS A 284 14.13 5.59 12.26
CA LYS A 284 13.31 6.73 12.64
C LYS A 284 14.24 7.84 13.15
N GLN A 285 15.24 7.42 13.92
CA GLN A 285 16.27 8.25 14.51
C GLN A 285 17.09 8.97 13.42
N LYS A 286 17.47 8.25 12.36
CA LYS A 286 18.24 8.84 11.28
C LYS A 286 17.37 9.86 10.56
N LEU A 287 16.15 9.45 10.24
CA LEU A 287 15.15 10.25 9.53
C LEU A 287 14.99 11.64 10.09
N GLU A 288 15.05 11.75 11.42
CA GLU A 288 14.92 13.04 12.08
C GLU A 288 16.22 13.80 11.98
N ARG A 289 17.34 13.09 11.85
CA ARG A 289 18.63 13.75 11.73
C ARG A 289 18.70 14.54 10.43
N CYS A 290 17.86 14.14 9.46
CA CYS A 290 17.78 14.80 8.16
C CYS A 290 16.81 15.94 8.30
N HIS A 291 15.83 15.75 9.18
CA HIS A 291 14.83 16.75 9.43
C HIS A 291 15.33 17.79 10.42
N SER A 292 16.66 17.80 10.63
CA SER A 292 17.37 18.71 11.56
C SER A 292 18.73 19.23 11.02
N ALA A 293 19.32 18.49 10.06
CA ALA A 293 20.58 18.89 9.43
C ALA A 293 20.20 20.04 8.49
N GLU A 294 18.95 20.45 8.63
CA GLU A 294 18.33 21.53 7.89
C GLU A 294 18.34 21.30 6.39
N LEU A 295 17.47 20.40 5.95
CA LEU A 295 17.31 20.00 4.55
C LEU A 295 18.51 19.17 4.06
N ALA A 296 18.97 18.29 4.93
CA ALA A 296 20.10 17.44 4.61
C ALA A 296 20.23 16.33 5.63
#